data_9INT
#
_entry.id   9INT
#
_cell.length_a   47.770
_cell.length_b   76.930
_cell.length_c   99.350
_cell.angle_alpha   90.00
_cell.angle_beta   90.00
_cell.angle_gamma   90.00
#
_symmetry.space_group_name_H-M   'P 21 21 21'
#
loop_
_entity.id
_entity.type
_entity.pdbx_description
1 polymer 'GH16 domain-containing protein'
2 branched 3,6-anhydro-alpha-D-galactopyranose-(1-3)-4-O-sulfo-beta-D-galactopyranose-(1-4)-3,6-anhydro-alpha-D-galactopyranose-(1-3)-4-O-sulfo-beta-D-galactopyranose-(1-4)-3,6-anhydro-alpha-D-galactopyranose-(1-3)-beta-D-galactopyranose
3 water water
#
_entity_poly.entity_id   1
_entity_poly.type   'polypeptide(L)'
_entity_poly.pdbx_seq_one_letter_code
;TGGQQMGRGSEFDNITSDDHVVDTPGDTDNDHDGGEEPNPAYPLSDQSNEGDWVLNTEMSDEFELPLDEDKWLIQGRNNE
YQSRFIGRAPSQFSVNNAYTESGKLKIVTKWEPDYDFRLKFNGDDHDVVNGEKIYFENITTAAVISKKQFRYGYMEIKCK
SANAPITSSFWTTGKNTSEMDMFEMFGGHKTNDSWRKRLKFNIISWDPNNPNYFNKINGPVFTQNIQVGNNTAGDFHVYG
FDWTADYIKVYYDGVLLPEYTILKSELTNNNTNPDKWVTDSDYWIWFDSETFPWLGIPKEEDLPAEYQIEYLRVWQKNKI
Q
;
_entity_poly.pdbx_strand_id   A
#
# COMPACT_ATOMS: atom_id res chain seq x y z
N GLU A 37 19.32 -19.86 -7.23
CA GLU A 37 18.01 -19.21 -7.14
C GLU A 37 17.43 -19.36 -5.74
N PRO A 38 16.78 -18.30 -5.25
CA PRO A 38 16.18 -18.37 -3.91
C PRO A 38 14.98 -19.32 -3.90
N ASN A 39 14.70 -19.85 -2.72
CA ASN A 39 13.58 -20.75 -2.53
C ASN A 39 12.31 -19.92 -2.29
N PRO A 40 11.32 -19.98 -3.18
CA PRO A 40 10.12 -19.14 -2.98
C PRO A 40 9.23 -19.61 -1.84
N ALA A 41 9.52 -20.75 -1.24
CA ALA A 41 8.72 -21.24 -0.12
C ALA A 41 8.95 -20.42 1.14
N TYR A 42 10.01 -19.64 1.19
CA TYR A 42 10.38 -18.91 2.40
C TYR A 42 10.64 -17.47 2.04
N PRO A 43 10.53 -16.56 3.01
CA PRO A 43 10.91 -15.17 2.77
C PRO A 43 12.33 -15.09 2.24
N LEU A 44 12.53 -14.17 1.29
CA LEU A 44 13.85 -13.98 0.73
C LEU A 44 14.89 -13.69 1.80
N SER A 45 14.48 -13.06 2.89
CA SER A 45 15.39 -12.73 3.99
C SER A 45 15.53 -13.85 5.01
N ASP A 46 14.78 -14.95 4.87
CA ASP A 46 14.80 -16.01 5.87
C ASP A 46 14.83 -17.35 5.13
N GLN A 47 15.86 -17.53 4.32
CA GLN A 47 15.92 -18.70 3.47
C GLN A 47 16.22 -19.98 4.25
N SER A 48 16.78 -19.87 5.46
CA SER A 48 16.91 -21.03 6.33
C SER A 48 15.66 -21.27 7.16
N ASN A 49 14.62 -20.44 6.98
CA ASN A 49 13.32 -20.64 7.61
C ASN A 49 13.41 -20.66 9.13
N GLU A 50 14.20 -19.74 9.69
CA GLU A 50 14.22 -19.63 11.14
C GLU A 50 12.86 -19.26 11.70
N GLY A 51 12.01 -18.60 10.90
CA GLY A 51 10.70 -18.24 11.36
C GLY A 51 9.66 -19.34 11.33
N ASP A 52 9.98 -20.51 10.77
CA ASP A 52 9.02 -21.61 10.66
C ASP A 52 7.75 -21.15 9.93
N TRP A 53 7.98 -20.58 8.75
CA TRP A 53 6.93 -19.87 8.02
C TRP A 53 6.07 -20.84 7.22
N VAL A 54 4.76 -20.57 7.21
CA VAL A 54 3.81 -21.28 6.37
C VAL A 54 3.04 -20.26 5.55
N LEU A 55 2.98 -20.47 4.24
CA LEU A 55 2.31 -19.49 3.38
C LEU A 55 0.83 -19.44 3.70
N ASN A 56 0.32 -18.24 3.89
CA ASN A 56 -1.11 -18.02 4.00
C ASN A 56 -1.65 -17.91 2.58
N THR A 57 -2.36 -18.94 2.11
CA THR A 57 -2.71 -19.00 0.70
C THR A 57 -3.82 -18.02 0.35
N GLU A 58 -4.69 -17.72 1.31
CA GLU A 58 -5.79 -16.82 0.97
C GLU A 58 -5.36 -15.37 0.93
N MET A 59 -4.19 -15.04 1.49
CA MET A 59 -3.64 -13.69 1.40
C MET A 59 -2.56 -13.55 0.34
N SER A 60 -2.13 -14.64 -0.29
CA SER A 60 -0.98 -14.64 -1.17
C SER A 60 -1.41 -14.85 -2.61
N ASP A 61 -0.62 -14.35 -3.54
CA ASP A 61 -0.91 -14.57 -4.95
C ASP A 61 0.35 -14.40 -5.77
N GLU A 62 0.60 -15.33 -6.68
CA GLU A 62 1.68 -15.18 -7.65
C GLU A 62 1.24 -14.47 -8.91
N PHE A 63 -0.07 -14.19 -9.05
CA PHE A 63 -0.63 -13.42 -10.16
C PHE A 63 -0.25 -14.00 -11.53
N GLU A 64 -0.16 -15.32 -11.61
CA GLU A 64 0.13 -16.01 -12.86
C GLU A 64 -1.12 -16.39 -13.63
N LEU A 65 -2.29 -16.08 -13.10
CA LEU A 65 -3.57 -16.38 -13.71
C LEU A 65 -4.39 -15.09 -13.74
N PRO A 66 -5.49 -15.07 -14.49
CA PRO A 66 -6.41 -13.92 -14.40
C PRO A 66 -6.78 -13.64 -12.95
N LEU A 67 -6.91 -12.35 -12.63
CA LEU A 67 -7.14 -11.95 -11.26
C LEU A 67 -8.37 -12.64 -10.68
N ASP A 68 -8.20 -13.27 -9.52
CA ASP A 68 -9.27 -14.03 -8.89
C ASP A 68 -10.09 -13.07 -8.06
N GLU A 69 -11.27 -12.69 -8.57
CA GLU A 69 -12.11 -11.72 -7.91
C GLU A 69 -12.94 -12.31 -6.78
N ASP A 70 -12.81 -13.60 -6.48
CA ASP A 70 -13.29 -14.10 -5.21
C ASP A 70 -12.25 -13.94 -4.11
N LYS A 71 -10.99 -13.72 -4.50
CA LYS A 71 -9.90 -13.46 -3.57
C LYS A 71 -9.58 -11.98 -3.43
N TRP A 72 -9.77 -11.22 -4.50
CA TRP A 72 -9.37 -9.83 -4.56
C TRP A 72 -10.55 -8.97 -4.98
N LEU A 73 -10.77 -7.88 -4.25
CA LEU A 73 -11.71 -6.86 -4.66
C LEU A 73 -11.00 -5.87 -5.57
N ILE A 74 -11.46 -5.74 -6.81
CA ILE A 74 -11.07 -4.59 -7.61
C ILE A 74 -11.96 -3.44 -7.16
N GLN A 75 -11.36 -2.40 -6.61
CA GLN A 75 -12.14 -1.34 -6.00
C GLN A 75 -13.17 -0.80 -6.98
N GLY A 76 -14.43 -0.80 -6.56
CA GLY A 76 -15.52 -0.36 -7.41
C GLY A 76 -16.28 -1.48 -8.11
N ARG A 77 -15.77 -2.71 -8.08
CA ARG A 77 -16.45 -3.81 -8.74
C ARG A 77 -17.86 -3.98 -8.17
N ASN A 78 -18.85 -3.95 -9.06
CA ASN A 78 -20.26 -4.07 -8.66
C ASN A 78 -20.62 -3.07 -7.58
N ASN A 79 -19.99 -1.88 -7.66
CA ASN A 79 -20.21 -0.75 -6.77
C ASN A 79 -19.74 -1.00 -5.34
N GLU A 80 -18.86 -1.99 -5.13
CA GLU A 80 -18.28 -2.24 -3.82
C GLU A 80 -17.00 -1.42 -3.66
N TYR A 81 -16.97 -0.57 -2.62
CA TYR A 81 -15.83 0.30 -2.35
C TYR A 81 -15.37 0.05 -0.92
N GLN A 82 -14.24 -0.64 -0.76
CA GLN A 82 -13.64 -0.76 0.55
C GLN A 82 -13.42 0.63 1.13
N SER A 83 -13.83 0.83 2.38
CA SER A 83 -13.69 2.11 3.08
C SER A 83 -14.42 3.25 2.39
N ARG A 84 -15.34 2.95 1.47
CA ARG A 84 -16.06 3.98 0.71
C ARG A 84 -15.09 4.94 0.02
N PHE A 85 -13.93 4.43 -0.39
CA PHE A 85 -12.83 5.24 -0.91
C PHE A 85 -12.84 5.16 -2.44
N ILE A 86 -13.34 6.20 -3.11
CA ILE A 86 -13.47 6.14 -4.56
C ILE A 86 -12.20 6.58 -5.28
N GLY A 87 -11.19 7.03 -4.54
CA GLY A 87 -9.98 7.54 -5.12
C GLY A 87 -9.63 8.87 -4.53
N ARG A 88 -8.37 9.26 -4.62
CA ARG A 88 -7.89 10.52 -4.09
C ARG A 88 -7.82 11.52 -5.24
N ALA A 89 -8.62 12.59 -5.15
CA ALA A 89 -8.76 13.52 -6.27
C ALA A 89 -7.41 14.10 -6.67
N PRO A 90 -7.18 14.35 -7.97
CA PRO A 90 -8.14 14.25 -9.08
C PRO A 90 -8.43 12.83 -9.54
N SER A 91 -7.59 11.87 -9.16
CA SER A 91 -7.74 10.50 -9.65
C SER A 91 -8.96 9.81 -9.05
N GLN A 92 -9.47 8.84 -9.79
CA GLN A 92 -10.46 7.91 -9.25
C GLN A 92 -10.06 6.51 -9.62
N PHE A 93 -10.41 5.56 -8.76
CA PHE A 93 -10.16 4.15 -9.03
C PHE A 93 -11.11 3.67 -10.11
N SER A 94 -10.56 3.03 -11.13
CA SER A 94 -11.36 2.43 -12.20
C SER A 94 -11.27 0.91 -12.14
N VAL A 95 -12.41 0.23 -12.34
CA VAL A 95 -12.37 -1.23 -12.36
C VAL A 95 -11.58 -1.77 -13.55
N ASN A 96 -11.32 -0.95 -14.57
CA ASN A 96 -10.60 -1.39 -15.75
C ASN A 96 -9.09 -1.23 -15.62
N ASN A 97 -8.62 -0.70 -14.50
CA ASN A 97 -7.19 -0.40 -14.37
C ASN A 97 -6.49 -1.39 -13.46
N ALA A 98 -7.13 -2.51 -13.11
CA ALA A 98 -6.48 -3.57 -12.35
C ALA A 98 -6.72 -4.88 -13.06
N TYR A 99 -5.65 -5.61 -13.33
CA TYR A 99 -5.73 -6.91 -13.98
C TYR A 99 -4.35 -7.52 -13.94
N THR A 100 -4.28 -8.83 -14.12
CA THR A 100 -2.98 -9.47 -14.21
C THR A 100 -2.54 -9.57 -15.66
N GLU A 101 -1.24 -9.52 -15.86
CA GLU A 101 -0.66 -9.50 -17.19
C GLU A 101 0.81 -9.86 -17.04
N SER A 102 1.30 -10.80 -17.85
CA SER A 102 2.72 -11.15 -17.82
C SER A 102 3.16 -11.63 -16.44
N GLY A 103 2.25 -12.24 -15.71
CA GLY A 103 2.56 -12.78 -14.40
C GLY A 103 2.54 -11.77 -13.29
N LYS A 104 2.07 -10.55 -13.54
CA LYS A 104 2.07 -9.50 -12.54
C LYS A 104 0.67 -8.93 -12.40
N LEU A 105 0.31 -8.57 -11.18
CA LEU A 105 -0.83 -7.68 -10.99
C LEU A 105 -0.44 -6.30 -11.49
N LYS A 106 -1.27 -5.73 -12.35
CA LYS A 106 -1.05 -4.38 -12.87
C LYS A 106 -2.03 -3.43 -12.21
N ILE A 107 -1.50 -2.38 -11.60
CA ILE A 107 -2.28 -1.24 -11.14
C ILE A 107 -1.92 -0.11 -12.09
N VAL A 108 -2.85 0.29 -12.94
CA VAL A 108 -2.54 1.15 -14.08
C VAL A 108 -3.05 2.56 -13.81
N THR A 109 -2.21 3.54 -14.10
CA THR A 109 -2.59 4.94 -14.05
C THR A 109 -2.71 5.43 -15.49
N LYS A 110 -3.90 5.93 -15.86
CA LYS A 110 -4.20 6.35 -17.21
C LYS A 110 -4.62 7.80 -17.24
N TRP A 111 -4.31 8.47 -18.35
CA TRP A 111 -4.92 9.76 -18.68
C TRP A 111 -6.19 9.44 -19.45
N GLU A 112 -7.33 9.70 -18.80
CA GLU A 112 -8.64 9.28 -19.29
C GLU A 112 -9.66 10.37 -18.98
N PRO A 113 -9.54 11.55 -19.61
CA PRO A 113 -10.44 12.65 -19.23
C PRO A 113 -11.90 12.34 -19.45
N ASP A 114 -12.22 11.42 -20.37
CA ASP A 114 -13.60 11.07 -20.67
C ASP A 114 -14.15 9.96 -19.78
N TYR A 115 -13.37 9.47 -18.81
CA TYR A 115 -13.88 8.53 -17.85
C TYR A 115 -15.10 9.09 -17.12
N ASP A 116 -16.01 8.21 -16.76
CA ASP A 116 -17.25 8.62 -16.07
C ASP A 116 -16.97 8.76 -14.58
N PHE A 117 -16.30 9.86 -14.23
CA PHE A 117 -16.00 10.13 -12.83
C PHE A 117 -17.28 10.23 -12.02
N ARG A 118 -17.31 9.53 -10.88
CA ARG A 118 -18.47 9.50 -10.03
C ARG A 118 -18.31 10.45 -8.84
N LEU A 119 -19.40 10.63 -8.11
CA LEU A 119 -19.36 11.42 -6.90
C LEU A 119 -18.86 10.57 -5.73
N LYS A 120 -18.29 11.25 -4.74
CA LYS A 120 -17.96 10.59 -3.50
C LYS A 120 -19.23 10.10 -2.82
N PHE A 121 -19.07 9.22 -1.84
CA PHE A 121 -20.25 8.74 -1.13
C PHE A 121 -20.96 9.86 -0.38
N ASN A 122 -20.26 10.94 -0.05
CA ASN A 122 -20.90 12.08 0.60
C ASN A 122 -21.55 13.04 -0.39
N GLY A 123 -21.55 12.72 -1.68
CA GLY A 123 -22.18 13.54 -2.70
C GLY A 123 -21.27 14.51 -3.41
N ASP A 124 -20.04 14.69 -2.95
CA ASP A 124 -19.13 15.70 -3.48
C ASP A 124 -18.43 15.25 -4.75
N ASP A 125 -18.18 16.20 -5.65
CA ASP A 125 -17.42 15.97 -6.88
C ASP A 125 -15.96 16.36 -6.71
N HIS A 126 -15.48 16.36 -5.48
CA HIS A 126 -14.14 16.87 -5.17
C HIS A 126 -13.75 16.40 -3.78
N ASP A 127 -12.45 16.38 -3.56
CA ASP A 127 -11.92 16.37 -2.20
C ASP A 127 -11.72 17.82 -1.75
N VAL A 128 -11.74 18.04 -0.44
CA VAL A 128 -11.39 19.32 0.14
C VAL A 128 -10.06 19.12 0.85
N VAL A 129 -8.99 19.71 0.32
CA VAL A 129 -7.66 19.47 0.84
C VAL A 129 -6.97 20.80 1.06
N ASN A 130 -6.62 21.07 2.32
CA ASN A 130 -5.96 22.32 2.72
C ASN A 130 -6.73 23.53 2.18
N GLY A 131 -8.05 23.48 2.32
CA GLY A 131 -8.92 24.57 1.97
C GLY A 131 -9.35 24.60 0.52
N GLU A 132 -8.82 23.72 -0.31
CA GLU A 132 -9.05 23.78 -1.73
C GLU A 132 -9.93 22.61 -2.17
N LYS A 133 -10.96 22.91 -2.97
CA LYS A 133 -11.68 21.86 -3.67
C LYS A 133 -10.80 21.32 -4.79
N ILE A 134 -10.50 20.03 -4.73
CA ILE A 134 -9.74 19.36 -5.77
C ILE A 134 -10.70 18.43 -6.49
N TYR A 135 -10.99 18.75 -7.75
CA TYR A 135 -12.01 18.04 -8.49
C TYR A 135 -11.48 16.76 -9.08
N PHE A 136 -12.38 15.80 -9.24
CA PHE A 136 -12.04 14.54 -9.90
C PHE A 136 -12.03 14.75 -11.40
N GLU A 137 -10.92 14.43 -12.03
CA GLU A 137 -10.77 14.63 -13.47
C GLU A 137 -9.50 13.97 -13.96
N ASN A 138 -9.50 13.66 -15.26
CA ASN A 138 -8.32 13.37 -16.07
C ASN A 138 -7.66 12.02 -15.83
N ILE A 139 -7.54 11.57 -14.59
CA ILE A 139 -6.68 10.44 -14.27
C ILE A 139 -7.48 9.32 -13.62
N THR A 140 -7.31 8.10 -14.12
CA THR A 140 -7.83 6.92 -13.47
C THR A 140 -6.69 6.06 -12.95
N THR A 141 -6.88 5.53 -11.76
CA THR A 141 -5.95 4.56 -11.21
C THR A 141 -6.74 3.32 -10.83
N ALA A 142 -6.26 2.54 -9.87
CA ALA A 142 -7.03 1.39 -9.39
C ALA A 142 -6.56 1.07 -7.98
N ALA A 143 -7.38 0.29 -7.29
CA ALA A 143 -7.03 -0.26 -5.99
C ALA A 143 -7.51 -1.69 -5.97
N VAL A 144 -6.68 -2.58 -5.41
CA VAL A 144 -7.03 -3.98 -5.26
C VAL A 144 -6.87 -4.32 -3.79
N ILE A 145 -7.90 -4.92 -3.19
CA ILE A 145 -7.97 -5.18 -1.76
C ILE A 145 -8.26 -6.66 -1.54
N SER A 146 -7.55 -7.27 -0.60
CA SER A 146 -7.86 -8.66 -0.28
C SER A 146 -9.28 -8.77 0.24
N LYS A 147 -9.95 -9.87 -0.10
CA LYS A 147 -11.26 -10.11 0.48
C LYS A 147 -11.16 -10.77 1.84
N LYS A 148 -10.01 -11.35 2.15
CA LYS A 148 -9.77 -11.95 3.45
C LYS A 148 -8.85 -11.04 4.26
N GLN A 149 -8.83 -11.29 5.56
CA GLN A 149 -7.96 -10.59 6.49
C GLN A 149 -7.02 -11.56 7.18
N PHE A 150 -5.97 -11.00 7.79
CA PHE A 150 -5.07 -11.81 8.59
C PHE A 150 -4.48 -10.91 9.68
N ARG A 151 -3.88 -11.53 10.69
CA ARG A 151 -3.18 -10.79 11.73
C ARG A 151 -1.81 -11.40 11.96
N TYR A 152 -0.77 -10.58 11.74
CA TYR A 152 0.64 -10.89 11.91
C TYR A 152 1.13 -11.77 10.77
N GLY A 153 2.32 -11.50 10.29
CA GLY A 153 2.91 -12.34 9.28
C GLY A 153 4.03 -11.61 8.58
N TYR A 154 4.76 -12.36 7.77
CA TYR A 154 5.80 -11.81 6.92
C TYR A 154 5.16 -11.51 5.58
N MET A 155 5.12 -10.24 5.20
CA MET A 155 4.53 -9.81 3.94
C MET A 155 5.67 -9.53 2.99
N GLU A 156 5.73 -10.25 1.87
CA GLU A 156 6.78 -10.02 0.90
C GLU A 156 6.16 -9.68 -0.44
N ILE A 157 6.50 -8.52 -0.98
CA ILE A 157 5.97 -8.08 -2.25
C ILE A 157 7.14 -7.83 -3.19
N LYS A 158 7.06 -8.38 -4.38
CA LYS A 158 8.04 -8.10 -5.42
C LYS A 158 7.36 -7.19 -6.44
N CYS A 159 7.90 -5.99 -6.63
CA CYS A 159 7.13 -5.04 -7.42
C CYS A 159 8.05 -3.98 -8.00
N LYS A 160 7.48 -3.24 -8.95
CA LYS A 160 8.12 -2.12 -9.63
C LYS A 160 7.09 -1.02 -9.62
N SER A 161 7.45 0.14 -9.07
CA SER A 161 6.47 1.20 -8.95
C SER A 161 6.20 1.85 -10.29
N ALA A 162 5.05 2.50 -10.37
CA ALA A 162 4.70 3.24 -11.59
C ALA A 162 5.66 4.39 -11.82
N ASN A 163 6.14 4.51 -13.05
CA ASN A 163 7.13 5.53 -13.38
C ASN A 163 6.43 6.82 -13.82
N ALA A 164 5.77 7.44 -12.86
CA ALA A 164 5.03 8.68 -13.08
C ALA A 164 4.88 9.37 -11.75
N PRO A 165 4.46 10.64 -11.73
CA PRO A 165 4.12 11.30 -10.45
C PRO A 165 2.77 10.80 -9.92
N ILE A 166 2.80 9.56 -9.44
CA ILE A 166 1.64 8.86 -8.93
C ILE A 166 2.16 7.92 -7.85
N THR A 167 1.36 7.66 -6.83
CA THR A 167 1.83 6.71 -5.84
C THR A 167 1.74 5.29 -6.37
N SER A 168 2.56 4.43 -5.76
CA SER A 168 2.39 2.98 -5.82
C SER A 168 2.49 2.53 -4.37
N SER A 169 1.42 1.98 -3.83
CA SER A 169 1.36 1.75 -2.40
C SER A 169 0.94 0.34 -2.06
N PHE A 170 1.38 -0.09 -0.88
CA PHE A 170 1.15 -1.43 -0.35
C PHE A 170 0.79 -1.20 1.09
N TRP A 171 -0.45 -1.48 1.47
CA TRP A 171 -0.91 -1.00 2.76
C TRP A 171 -2.06 -1.86 3.26
N THR A 172 -2.57 -1.50 4.43
CA THR A 172 -3.61 -2.27 5.09
C THR A 172 -4.63 -1.34 5.71
N THR A 173 -5.83 -1.89 5.93
CA THR A 173 -6.79 -1.29 6.84
C THR A 173 -7.42 -2.39 7.68
N GLY A 174 -7.88 -1.99 8.86
CA GLY A 174 -8.86 -2.75 9.58
C GLY A 174 -10.00 -1.82 9.95
N LYS A 175 -11.18 -2.41 10.13
CA LYS A 175 -12.40 -1.61 10.27
C LYS A 175 -12.36 -0.85 11.58
N ASN A 176 -12.31 0.49 11.48
CA ASN A 176 -12.15 1.41 12.60
C ASN A 176 -11.15 0.93 13.64
N THR A 177 -10.06 0.33 13.18
CA THR A 177 -8.96 0.01 14.07
C THR A 177 -7.76 0.83 13.65
N SER A 178 -7.06 0.39 12.61
CA SER A 178 -5.83 1.08 12.24
C SER A 178 -5.49 0.75 10.79
N GLU A 179 -4.37 1.31 10.36
CA GLU A 179 -3.89 1.17 9.01
C GLU A 179 -2.37 1.21 9.05
N MET A 180 -1.73 0.25 8.41
CA MET A 180 -0.29 0.25 8.22
C MET A 180 -0.03 0.48 6.74
N ASP A 181 0.66 1.56 6.42
CA ASP A 181 1.13 1.76 5.05
C ASP A 181 2.54 1.22 4.99
N MET A 182 2.67 -0.03 4.54
CA MET A 182 3.98 -0.65 4.42
C MET A 182 4.85 0.18 3.48
N PHE A 183 4.27 0.66 2.38
CA PHE A 183 4.96 1.72 1.66
C PHE A 183 3.98 2.52 0.82
N GLU A 184 4.31 3.79 0.66
CA GLU A 184 3.83 4.62 -0.44
C GLU A 184 5.06 5.01 -1.23
N MET A 185 5.16 4.54 -2.47
CA MET A 185 6.22 4.98 -3.36
C MET A 185 5.69 6.07 -4.27
N PHE A 186 6.60 6.81 -4.87
CA PHE A 186 6.25 7.86 -5.83
C PHE A 186 7.35 7.75 -6.88
N GLY A 187 7.21 6.74 -7.75
CA GLY A 187 8.34 6.28 -8.54
C GLY A 187 8.84 7.29 -9.56
N GLY A 188 7.94 8.10 -10.11
CA GLY A 188 8.33 9.03 -11.14
C GLY A 188 8.35 10.48 -10.69
N HIS A 189 8.67 10.73 -9.43
CA HIS A 189 8.78 12.10 -8.96
C HIS A 189 9.72 12.89 -9.88
N LYS A 190 9.25 14.05 -10.34
CA LYS A 190 9.98 14.80 -11.35
C LYS A 190 11.10 15.65 -10.76
N THR A 191 11.03 16.01 -9.48
CA THR A 191 11.96 16.98 -8.93
C THR A 191 12.65 16.54 -7.65
N ASN A 192 12.25 15.41 -7.05
CA ASN A 192 12.84 14.95 -5.80
C ASN A 192 13.36 13.54 -5.99
N ASP A 193 14.68 13.39 -6.16
CA ASP A 193 15.20 12.05 -6.40
C ASP A 193 15.07 11.17 -5.17
N SER A 194 15.04 11.75 -3.97
CA SER A 194 14.85 10.95 -2.76
C SER A 194 13.51 10.23 -2.81
N TRP A 195 12.47 10.90 -3.29
CA TRP A 195 11.17 10.25 -3.41
C TRP A 195 11.22 9.06 -4.37
N ARG A 196 12.05 9.14 -5.43
CA ARG A 196 12.16 8.03 -6.36
C ARG A 196 12.71 6.78 -5.69
N LYS A 197 13.41 6.94 -4.57
CA LYS A 197 14.01 5.83 -3.84
C LYS A 197 13.32 5.60 -2.50
N ARG A 198 12.13 6.16 -2.32
CA ARG A 198 11.47 6.22 -1.02
C ARG A 198 10.30 5.25 -0.94
N LEU A 199 10.18 4.63 0.22
CA LEU A 199 8.99 3.91 0.67
C LEU A 199 8.51 4.69 1.88
N LYS A 200 7.49 5.53 1.72
CA LYS A 200 6.95 6.21 2.89
C LYS A 200 6.12 5.23 3.69
N PHE A 201 6.48 5.03 4.95
CA PHE A 201 5.85 4.07 5.84
C PHE A 201 5.04 4.82 6.87
N ASN A 202 3.78 4.43 7.07
CA ASN A 202 2.93 5.09 8.05
C ASN A 202 2.18 4.07 8.88
N ILE A 203 1.85 4.47 10.09
CA ILE A 203 0.86 3.79 10.91
C ILE A 203 -0.18 4.81 11.31
N ILE A 204 -1.44 4.49 11.09
CA ILE A 204 -2.56 5.41 11.25
C ILE A 204 -3.60 4.75 12.15
N SER A 205 -4.16 5.52 13.07
CA SER A 205 -5.22 5.03 13.95
C SER A 205 -6.56 5.46 13.40
N TRP A 206 -7.47 4.49 13.22
CA TRP A 206 -8.83 4.77 12.78
C TRP A 206 -9.84 4.56 13.91
N ASP A 207 -9.36 4.55 15.16
CA ASP A 207 -10.17 4.25 16.32
C ASP A 207 -10.46 5.55 17.07
N PRO A 208 -11.70 6.05 17.09
CA PRO A 208 -11.95 7.33 17.77
C PRO A 208 -11.69 7.30 19.26
N ASN A 209 -11.60 6.12 19.87
CA ASN A 209 -11.27 6.03 21.28
C ASN A 209 -9.80 6.29 21.53
N ASN A 210 -8.97 6.15 20.51
CA ASN A 210 -7.53 6.22 20.67
C ASN A 210 -7.06 7.67 20.62
N PRO A 211 -6.22 8.10 21.57
CA PRO A 211 -5.75 9.49 21.53
C PRO A 211 -4.97 9.84 20.28
N ASN A 212 -4.52 8.85 19.51
CA ASN A 212 -3.77 9.07 18.28
C ASN A 212 -4.63 8.90 17.05
N TYR A 213 -5.95 8.84 17.24
CA TYR A 213 -6.92 8.75 16.17
C TYR A 213 -6.65 9.77 15.07
N PHE A 214 -6.73 9.30 13.82
CA PHE A 214 -6.39 10.15 12.69
C PHE A 214 -7.21 11.43 12.66
N ASN A 215 -8.49 11.37 13.01
CA ASN A 215 -9.30 12.57 12.97
C ASN A 215 -9.25 13.36 14.27
N LYS A 216 -8.35 13.00 15.17
CA LYS A 216 -7.95 13.86 16.28
C LYS A 216 -6.61 14.54 16.01
N ILE A 217 -5.58 13.76 15.67
CA ILE A 217 -4.26 14.35 15.47
C ILE A 217 -3.98 14.71 14.02
N ASN A 218 -4.84 14.32 13.08
CA ASN A 218 -4.72 14.70 11.68
C ASN A 218 -3.36 14.34 11.11
N GLY A 219 -2.97 13.10 11.35
CA GLY A 219 -1.70 12.61 10.90
C GLY A 219 -1.49 11.21 11.43
N PRO A 220 -0.37 10.61 11.09
CA PRO A 220 -0.11 9.23 11.49
C PRO A 220 0.34 9.14 12.94
N VAL A 221 0.11 7.96 13.53
CA VAL A 221 0.73 7.64 14.83
C VAL A 221 2.24 7.63 14.69
N PHE A 222 2.74 7.12 13.57
CA PHE A 222 4.15 6.97 13.31
C PHE A 222 4.37 7.03 11.81
N THR A 223 5.47 7.66 11.39
CA THR A 223 5.85 7.65 9.99
C THR A 223 7.37 7.65 9.89
N GLN A 224 7.88 7.05 8.81
CA GLN A 224 9.30 7.11 8.50
C GLN A 224 9.46 6.96 7.01
N ASN A 225 10.51 7.56 6.49
CA ASN A 225 10.84 7.46 5.08
C ASN A 225 11.88 6.37 4.92
N ILE A 226 11.46 5.22 4.44
CA ILE A 226 12.39 4.13 4.15
C ILE A 226 13.07 4.49 2.84
N GLN A 227 14.39 4.60 2.87
CA GLN A 227 15.16 4.95 1.68
C GLN A 227 15.97 3.74 1.26
N VAL A 228 15.80 3.32 0.01
CA VAL A 228 16.54 2.20 -0.54
C VAL A 228 17.49 2.73 -1.63
N GLY A 229 18.44 1.89 -2.01
CA GLY A 229 19.50 2.41 -2.88
C GLY A 229 19.13 2.57 -4.33
N ASN A 230 18.00 1.99 -4.76
CA ASN A 230 17.63 1.96 -6.17
C ASN A 230 16.27 2.58 -6.38
N ASN A 231 16.09 3.22 -7.54
CA ASN A 231 14.80 3.78 -7.88
C ASN A 231 13.72 2.70 -7.89
N THR A 232 12.63 2.95 -7.17
CA THR A 232 11.58 1.94 -7.07
C THR A 232 10.93 1.67 -8.42
N ALA A 233 10.96 2.63 -9.34
CA ALA A 233 10.37 2.43 -10.66
C ALA A 233 11.34 1.85 -11.66
N GLY A 234 12.62 1.68 -11.29
CA GLY A 234 13.62 1.27 -12.26
C GLY A 234 13.66 -0.20 -12.53
N ASP A 235 13.22 -1.02 -11.58
CA ASP A 235 13.28 -2.47 -11.70
C ASP A 235 12.40 -3.07 -10.62
N PHE A 236 12.17 -4.37 -10.72
CA PHE A 236 11.50 -5.08 -9.65
C PHE A 236 12.45 -5.29 -8.49
N HIS A 237 11.92 -5.12 -7.28
CA HIS A 237 12.67 -5.41 -6.07
C HIS A 237 11.75 -6.14 -5.13
N VAL A 238 12.33 -6.75 -4.10
CA VAL A 238 11.60 -7.56 -3.16
C VAL A 238 11.58 -6.84 -1.83
N TYR A 239 10.39 -6.48 -1.37
CA TYR A 239 10.22 -5.74 -0.13
C TYR A 239 9.53 -6.62 0.88
N GLY A 240 10.12 -6.73 2.06
CA GLY A 240 9.58 -7.59 3.11
C GLY A 240 9.22 -6.76 4.33
N PHE A 241 8.08 -7.09 4.92
CA PHE A 241 7.61 -6.43 6.14
C PHE A 241 7.20 -7.53 7.09
N ASP A 242 7.95 -7.68 8.17
CA ASP A 242 7.67 -8.71 9.17
C ASP A 242 6.89 -8.04 10.29
N TRP A 243 5.61 -8.38 10.39
CA TRP A 243 4.66 -7.71 11.26
C TRP A 243 4.30 -8.67 12.39
N THR A 244 4.68 -8.31 13.62
CA THR A 244 4.34 -9.12 14.78
C THR A 244 3.67 -8.24 15.82
N ALA A 245 3.30 -8.87 16.94
CA ALA A 245 2.70 -8.15 18.06
C ALA A 245 3.68 -7.18 18.72
N ASP A 246 4.99 -7.34 18.49
CA ASP A 246 5.98 -6.59 19.25
C ASP A 246 6.94 -5.78 18.40
N TYR A 247 6.97 -6.00 17.08
CA TYR A 247 7.87 -5.24 16.24
C TYR A 247 7.39 -5.35 14.81
N ILE A 248 7.90 -4.42 13.99
CA ILE A 248 7.73 -4.46 12.56
C ILE A 248 9.11 -4.22 11.97
N LYS A 249 9.55 -5.09 11.08
CA LYS A 249 10.86 -4.99 10.47
C LYS A 249 10.73 -4.92 8.95
N VAL A 250 11.71 -4.29 8.34
CA VAL A 250 11.71 -3.96 6.92
C VAL A 250 12.90 -4.63 6.26
N TYR A 251 12.67 -5.27 5.12
CA TYR A 251 13.69 -5.99 4.38
C TYR A 251 13.67 -5.54 2.93
N TYR A 252 14.85 -5.41 2.34
CA TYR A 252 14.99 -5.00 0.96
C TYR A 252 15.88 -6.00 0.24
N ASP A 253 15.34 -6.64 -0.79
CA ASP A 253 16.07 -7.64 -1.58
C ASP A 253 16.76 -8.65 -0.66
N GLY A 254 16.05 -9.05 0.39
CA GLY A 254 16.47 -10.12 1.25
C GLY A 254 17.28 -9.69 2.46
N VAL A 255 17.52 -8.39 2.62
CA VAL A 255 18.42 -7.90 3.66
C VAL A 255 17.65 -6.98 4.60
N LEU A 256 17.78 -7.23 5.90
CA LEU A 256 17.19 -6.36 6.90
C LEU A 256 17.73 -4.94 6.76
N LEU A 257 16.80 -3.97 6.87
CA LEU A 257 17.15 -2.56 6.98
C LEU A 257 16.95 -2.18 8.43
N PRO A 258 17.94 -2.40 9.29
CA PRO A 258 17.69 -2.24 10.72
C PRO A 258 17.40 -0.81 11.13
N GLU A 259 17.75 0.18 10.31
CA GLU A 259 17.48 1.55 10.69
C GLU A 259 15.97 1.81 10.78
N TYR A 260 15.15 0.97 10.19
CA TYR A 260 13.71 1.22 10.12
C TYR A 260 12.90 0.32 11.02
N THR A 261 13.56 -0.45 11.89
CA THR A 261 12.84 -1.33 12.78
C THR A 261 11.96 -0.53 13.74
N ILE A 262 10.74 -1.02 13.95
CA ILE A 262 9.77 -0.43 14.87
C ILE A 262 9.57 -1.40 16.02
N LEU A 263 9.78 -0.93 17.25
CA LEU A 263 9.60 -1.75 18.43
C LEU A 263 8.43 -1.23 19.23
N LYS A 264 7.58 -2.15 19.67
CA LYS A 264 6.49 -1.76 20.58
C LYS A 264 7.04 -1.12 21.84
N SER A 265 8.15 -1.64 22.37
CA SER A 265 8.70 -1.08 23.59
C SER A 265 9.13 0.38 23.41
N GLU A 266 9.53 0.75 22.20
CA GLU A 266 9.92 2.13 21.94
C GLU A 266 8.71 3.00 21.64
N LEU A 267 7.83 2.54 20.75
CA LEU A 267 6.67 3.35 20.39
C LEU A 267 5.79 3.62 21.60
N THR A 268 5.68 2.66 22.52
CA THR A 268 4.85 2.80 23.71
C THR A 268 5.62 3.26 24.95
N ASN A 269 6.93 3.51 24.82
CA ASN A 269 7.79 3.83 25.96
C ASN A 269 7.60 2.79 27.08
N ASN A 270 7.93 1.55 26.75
CA ASN A 270 7.86 0.43 27.69
C ASN A 270 6.46 0.29 28.30
N ASN A 271 5.46 0.31 27.43
CA ASN A 271 4.05 0.08 27.75
C ASN A 271 3.44 1.18 28.62
N THR A 272 4.10 2.33 28.76
CA THR A 272 3.47 3.44 29.47
C THR A 272 2.54 4.24 28.58
N ASN A 273 2.69 4.13 27.27
CA ASN A 273 1.82 4.78 26.29
C ASN A 273 1.28 3.71 25.33
N PRO A 274 0.48 2.78 25.85
CA PRO A 274 0.06 1.63 25.02
C PRO A 274 -0.77 2.01 23.81
N ASP A 275 -1.47 3.14 23.87
CA ASP A 275 -2.29 3.55 22.73
C ASP A 275 -1.46 3.87 21.50
N LYS A 276 -0.14 4.00 21.62
CA LYS A 276 0.68 4.23 20.44
C LYS A 276 0.91 2.97 19.62
N TRP A 277 0.56 1.81 20.14
CA TRP A 277 0.71 0.55 19.43
C TRP A 277 -0.67 0.12 18.96
N VAL A 278 -0.94 0.34 17.67
CA VAL A 278 -2.28 0.15 17.14
C VAL A 278 -2.37 -0.94 16.10
N THR A 279 -1.27 -1.68 15.85
CA THR A 279 -1.25 -2.62 14.75
C THR A 279 -1.64 -4.04 15.14
N ASP A 280 -2.15 -4.25 16.37
CA ASP A 280 -2.67 -5.56 16.75
C ASP A 280 -4.13 -5.64 16.29
N SER A 281 -4.29 -5.68 14.98
CA SER A 281 -5.58 -5.68 14.32
C SER A 281 -5.56 -6.63 13.15
N ASP A 282 -6.70 -7.23 12.85
CA ASP A 282 -6.85 -7.92 11.58
C ASP A 282 -6.80 -6.89 10.45
N TYR A 283 -6.16 -7.26 9.35
CA TYR A 283 -5.98 -6.32 8.24
C TYR A 283 -6.39 -6.93 6.91
N TRP A 284 -7.04 -6.11 6.09
CA TRP A 284 -7.04 -6.34 4.65
C TRP A 284 -5.79 -5.73 4.05
N ILE A 285 -5.29 -6.34 2.98
CA ILE A 285 -4.16 -5.82 2.21
C ILE A 285 -4.67 -5.06 0.99
N TRP A 286 -4.11 -3.87 0.76
CA TRP A 286 -4.38 -3.05 -0.40
C TRP A 286 -3.13 -2.90 -1.26
N PHE A 287 -3.33 -2.89 -2.58
CA PHE A 287 -2.37 -2.31 -3.51
C PHE A 287 -3.10 -1.19 -4.24
N ASP A 288 -2.50 -0.02 -4.34
CA ASP A 288 -3.18 0.97 -5.18
C ASP A 288 -2.19 2.00 -5.69
N SER A 289 -2.71 2.88 -6.54
CA SER A 289 -2.05 4.08 -7.03
C SER A 289 -3.04 5.22 -6.87
N GLU A 290 -2.52 6.38 -6.49
CA GLU A 290 -3.33 7.56 -6.21
C GLU A 290 -2.57 8.79 -6.67
N THR A 291 -3.30 9.83 -7.07
CA THR A 291 -2.70 11.16 -7.14
C THR A 291 -2.61 11.74 -5.75
N PHE A 292 -1.43 12.21 -5.38
CA PHE A 292 -1.24 13.06 -4.22
C PHE A 292 -1.07 14.45 -4.79
N PRO A 293 -2.12 15.27 -4.86
CA PRO A 293 -2.06 16.49 -5.70
C PRO A 293 -1.01 17.48 -5.25
N TRP A 294 -0.67 17.49 -3.96
CA TRP A 294 0.30 18.47 -3.49
C TRP A 294 1.73 18.00 -3.71
N LEU A 295 1.93 16.69 -3.94
CA LEU A 295 3.23 16.15 -4.29
C LEU A 295 3.53 16.34 -5.76
N GLY A 296 2.58 15.95 -6.61
CA GLY A 296 2.77 16.07 -8.03
C GLY A 296 1.51 15.58 -8.72
N ILE A 297 1.36 16.00 -9.97
CA ILE A 297 0.28 15.51 -10.82
C ILE A 297 0.90 15.06 -12.12
N PRO A 298 0.57 13.88 -12.63
CA PRO A 298 1.20 13.45 -13.89
C PRO A 298 0.72 14.29 -15.07
N LYS A 299 1.61 14.44 -16.04
CA LYS A 299 1.22 14.93 -17.36
C LYS A 299 0.67 13.77 -18.19
N GLU A 300 -0.17 14.10 -19.19
CA GLU A 300 -0.63 13.07 -20.10
C GLU A 300 0.54 12.29 -20.68
N GLU A 301 1.63 12.99 -21.01
CA GLU A 301 2.81 12.34 -21.60
C GLU A 301 3.45 11.33 -20.67
N ASP A 302 3.21 11.42 -19.36
CA ASP A 302 3.76 10.45 -18.42
C ASP A 302 2.97 9.15 -18.40
N LEU A 303 1.81 9.11 -19.02
CA LEU A 303 0.86 8.04 -18.83
C LEU A 303 0.62 7.31 -20.15
N PRO A 304 0.24 6.03 -20.10
CA PRO A 304 -0.05 5.24 -18.90
C PRO A 304 1.22 4.86 -18.17
N ALA A 305 1.05 4.58 -16.88
CA ALA A 305 2.13 4.06 -16.06
C ALA A 305 1.57 2.87 -15.28
N GLU A 306 2.44 1.95 -14.92
CA GLU A 306 2.02 0.73 -14.25
C GLU A 306 2.81 0.49 -12.99
N TYR A 307 2.09 0.24 -11.91
CA TYR A 307 2.61 -0.35 -10.70
C TYR A 307 2.44 -1.84 -10.87
N GLN A 308 3.56 -2.55 -10.95
CA GLN A 308 3.55 -3.97 -11.33
C GLN A 308 3.92 -4.78 -10.11
N ILE A 309 3.08 -5.73 -9.76
CA ILE A 309 3.31 -6.58 -8.58
C ILE A 309 3.52 -8.00 -9.08
N GLU A 310 4.78 -8.45 -9.03
CA GLU A 310 5.10 -9.79 -9.50
C GLU A 310 4.46 -10.85 -8.61
N TYR A 311 4.47 -10.61 -7.30
CA TYR A 311 3.80 -11.52 -6.38
C TYR A 311 3.61 -10.82 -5.05
N LEU A 312 2.69 -11.36 -4.28
CA LEU A 312 2.58 -11.11 -2.85
C LEU A 312 2.64 -12.47 -2.16
N ARG A 313 3.59 -12.63 -1.25
CA ARG A 313 3.68 -13.81 -0.42
C ARG A 313 3.47 -13.37 1.02
N VAL A 314 2.48 -13.93 1.68
CA VAL A 314 2.22 -13.65 3.09
C VAL A 314 2.38 -14.96 3.84
N TRP A 315 3.36 -15.01 4.74
CA TRP A 315 3.58 -16.19 5.57
C TRP A 315 3.16 -15.88 7.01
N GLN A 316 2.70 -16.91 7.71
CA GLN A 316 2.48 -16.81 9.14
C GLN A 316 3.21 -17.96 9.81
N LYS A 317 3.44 -17.80 11.11
CA LYS A 317 4.18 -18.80 11.87
C LYS A 317 3.39 -20.09 11.95
N ASN A 318 4.10 -21.22 11.82
CA ASN A 318 3.48 -22.53 11.78
C ASN A 318 2.63 -22.79 13.02
#